data_3ZYP
#
_entry.id   3ZYP
#
_cell.length_a   55.413
_cell.length_b   57.515
_cell.length_c   74.579
_cell.angle_alpha   90.00
_cell.angle_beta   90.00
_cell.angle_gamma   90.00
#
_symmetry.space_group_name_H-M   'P 21 21 21'
#
loop_
_entity.id
_entity.type
_entity.pdbx_description
1 polymer CIP1
2 non-polymer 2-acetamido-2-deoxy-beta-D-glucopyranose
3 non-polymer 'CALCIUM ION'
4 non-polymer DI(HYDROXYETHYL)ETHER
5 water water
#
_entity_poly.entity_id   1
_entity_poly.type   'polypeptide(L)'
_entity_poly.pdbx_seq_one_letter_code
;(PCA)ISDDFESGWDQTKWPISAPDCNQGGTVSLDTTVAHSGSNSMKVVGGPNGYCGHIFFGTTQVPTGDVYVRAWIRLQ
TALGSNHVTFIIMPDTAQGGKHLRIGGQSQVLDYNRESDDATLPDLSPNGIASTVTLPTGAFQCFEYHLGTDGTIETWLN
GSLIPGMTVGPGVDNPNDAGWTRASYIPEITGVNFGWEAYSGDVNTVWFDDISIASTRVGCG
;
_entity_poly.pdbx_strand_id   A
#
loop_
_chem_comp.id
_chem_comp.type
_chem_comp.name
_chem_comp.formula
CA non-polymer 'CALCIUM ION' 'Ca 2'
NAG D-saccharide, beta linking 2-acetamido-2-deoxy-beta-D-glucopyranose 'C8 H15 N O6'
PEG non-polymer DI(HYDROXYETHYL)ETHER 'C4 H10 O3'
#
# COMPACT_ATOMS: atom_id res chain seq x y z
N PCA A 1 -12.98 -7.08 -7.58
CA PCA A 1 -13.18 -7.91 -6.39
CB PCA A 1 -14.66 -8.26 -6.23
CG PCA A 1 -15.41 -7.27 -7.10
CD PCA A 1 -14.32 -6.70 -7.98
OE PCA A 1 -14.55 -5.98 -8.94
C PCA A 1 -12.33 -9.15 -6.52
O PCA A 1 -12.38 -9.86 -7.54
N ILE A 2 -11.52 -9.42 -5.49
CA ILE A 2 -10.57 -10.52 -5.54
C ILE A 2 -10.11 -10.81 -4.12
N SER A 3 -9.83 -12.06 -3.82
CA SER A 3 -9.34 -12.44 -2.49
C SER A 3 -8.38 -13.61 -2.60
N ASP A 4 -7.45 -13.71 -1.66
CA ASP A 4 -6.54 -14.85 -1.66
C ASP A 4 -5.90 -15.03 -0.30
N ASP A 5 -6.00 -16.25 0.23
CA ASP A 5 -5.27 -16.67 1.44
C ASP A 5 -3.92 -17.35 1.13
N PHE A 6 -3.63 -17.49 -0.17
CA PHE A 6 -2.40 -18.15 -0.68
C PHE A 6 -2.23 -19.61 -0.27
N GLU A 7 -3.32 -20.21 0.20
CA GLU A 7 -3.22 -21.57 0.67
C GLU A 7 -3.24 -22.57 -0.46
N SER A 8 -3.56 -22.13 -1.67
CA SER A 8 -3.42 -22.95 -2.88
CA SER A 8 -3.42 -22.96 -2.86
C SER A 8 -2.19 -22.55 -3.67
N GLY A 9 -1.35 -21.70 -3.08
CA GLY A 9 -0.13 -21.27 -3.71
C GLY A 9 -0.22 -19.92 -4.37
N TRP A 10 0.74 -19.64 -5.24
CA TRP A 10 0.82 -18.39 -6.00
C TRP A 10 0.38 -18.66 -7.42
N ASP A 11 -0.82 -18.18 -7.75
CA ASP A 11 -1.34 -18.23 -9.12
C ASP A 11 -0.76 -17.03 -9.84
N GLN A 12 0.19 -17.28 -10.75
CA GLN A 12 0.96 -16.23 -11.39
C GLN A 12 0.19 -15.44 -12.46
N THR A 13 -0.95 -15.97 -12.90
CA THR A 13 -1.78 -15.19 -13.81
CA THR A 13 -1.87 -15.29 -13.82
C THR A 13 -2.76 -14.32 -13.04
N LYS A 14 -3.22 -14.80 -11.87
CA LYS A 14 -4.05 -13.99 -10.97
C LYS A 14 -3.25 -12.86 -10.33
N TRP A 15 -1.97 -13.14 -10.05
CA TRP A 15 -1.10 -12.21 -9.35
C TRP A 15 0.22 -12.04 -10.11
N PRO A 16 0.16 -11.43 -11.31
CA PRO A 16 1.39 -11.23 -12.05
C PRO A 16 2.36 -10.24 -11.40
N ILE A 17 3.64 -10.43 -11.69
CA ILE A 17 4.69 -9.47 -11.36
C ILE A 17 4.50 -8.15 -12.07
N SER A 18 4.76 -7.07 -11.35
CA SER A 18 4.85 -5.74 -11.94
CA SER A 18 4.87 -5.75 -11.98
C SER A 18 6.14 -5.07 -11.49
N ALA A 19 6.88 -4.48 -12.43
CA ALA A 19 8.10 -3.76 -12.10
C ALA A 19 8.25 -2.66 -13.14
N PRO A 20 7.49 -1.56 -12.99
CA PRO A 20 7.44 -0.54 -14.05
C PRO A 20 8.83 -0.04 -14.45
N ASP A 21 9.04 0.17 -15.75
CA ASP A 21 10.24 0.82 -16.31
C ASP A 21 11.53 -0.02 -16.29
N CYS A 22 11.86 -0.58 -15.13
CA CYS A 22 13.08 -1.38 -14.98
CA CYS A 22 13.11 -1.34 -14.95
C CYS A 22 12.89 -2.45 -13.92
N ASN A 23 13.68 -3.51 -14.01
CA ASN A 23 13.58 -4.65 -13.10
C ASN A 23 14.95 -5.29 -12.87
N GLN A 24 15.53 -5.05 -11.70
CA GLN A 24 16.88 -5.47 -11.41
C GLN A 24 17.06 -5.85 -9.94
N GLY A 25 16.86 -7.13 -9.64
CA GLY A 25 17.27 -7.66 -8.35
C GLY A 25 16.18 -7.99 -7.33
N GLY A 26 14.99 -7.43 -7.52
CA GLY A 26 13.87 -7.74 -6.61
C GLY A 26 13.33 -9.14 -6.83
N THR A 27 12.76 -9.72 -5.80
CA THR A 27 12.11 -11.03 -5.93
C THR A 27 10.71 -11.09 -5.30
N VAL A 28 9.85 -11.85 -5.96
CA VAL A 28 8.56 -12.24 -5.42
C VAL A 28 8.50 -13.77 -5.38
N SER A 29 8.06 -14.33 -4.25
CA SER A 29 7.94 -15.78 -4.13
C SER A 29 6.89 -16.16 -3.10
N LEU A 30 6.34 -17.35 -3.24
CA LEU A 30 5.53 -17.94 -2.19
C LEU A 30 6.41 -18.39 -1.05
N ASP A 31 6.08 -17.96 0.16
CA ASP A 31 6.81 -18.42 1.34
C ASP A 31 5.93 -19.42 2.10
N THR A 32 6.47 -20.62 2.28
CA THR A 32 5.75 -21.67 2.99
C THR A 32 6.15 -21.77 4.47
N THR A 33 6.94 -20.81 4.94
CA THR A 33 7.49 -20.82 6.32
C THR A 33 7.03 -19.63 7.17
N VAL A 34 6.35 -18.68 6.54
CA VAL A 34 5.90 -17.43 7.18
C VAL A 34 4.53 -17.14 6.63
N ALA A 35 3.54 -16.96 7.50
CA ALA A 35 2.15 -16.77 7.06
C ALA A 35 1.29 -16.22 8.18
N HIS A 36 0.20 -15.58 7.78
CA HIS A 36 -0.86 -15.25 8.71
C HIS A 36 -1.83 -16.42 8.70
N SER A 37 -2.65 -16.57 7.64
CA SER A 37 -3.45 -17.78 7.50
C SER A 37 -2.61 -18.98 7.08
N GLY A 38 -2.87 -20.13 7.71
CA GLY A 38 -2.29 -21.39 7.25
C GLY A 38 -0.80 -21.39 7.12
N SER A 39 -0.33 -21.91 5.99
CA SER A 39 1.08 -22.18 5.78
C SER A 39 1.82 -21.13 4.95
N ASN A 40 1.10 -20.45 4.06
CA ASN A 40 1.76 -19.66 3.00
C ASN A 40 1.41 -18.18 2.99
N SER A 41 2.36 -17.35 2.57
CA SER A 41 2.11 -15.95 2.24
C SER A 41 2.99 -15.61 1.04
N MET A 42 2.85 -14.39 0.52
CA MET A 42 3.69 -13.90 -0.56
C MET A 42 4.84 -13.07 0.00
N LYS A 43 6.07 -13.40 -0.35
CA LYS A 43 7.25 -12.69 0.13
C LYS A 43 7.85 -11.82 -0.96
N VAL A 44 8.05 -10.55 -0.67
CA VAL A 44 8.66 -9.62 -1.62
C VAL A 44 9.95 -9.09 -1.01
N VAL A 45 11.04 -9.18 -1.77
CA VAL A 45 12.33 -8.66 -1.32
C VAL A 45 12.79 -7.64 -2.33
N GLY A 46 12.96 -6.38 -1.91
CA GLY A 46 13.48 -5.36 -2.82
C GLY A 46 14.97 -5.55 -3.11
N GLY A 47 15.34 -5.37 -4.38
CA GLY A 47 16.76 -5.44 -4.79
C GLY A 47 17.53 -4.20 -4.37
N PRO A 48 18.86 -4.34 -4.20
CA PRO A 48 19.70 -3.24 -3.71
C PRO A 48 20.11 -2.22 -4.77
N ASN A 49 19.30 -2.05 -5.81
CA ASN A 49 19.68 -1.21 -6.95
C ASN A 49 18.78 0.01 -7.13
N GLY A 50 18.57 0.76 -6.06
CA GLY A 50 17.68 1.93 -6.10
C GLY A 50 16.29 1.59 -6.61
N TYR A 51 15.67 2.53 -7.32
CA TYR A 51 14.34 2.35 -7.87
C TYR A 51 14.18 1.05 -8.64
N CYS A 52 15.16 0.72 -9.47
CA CYS A 52 15.11 -0.46 -10.33
CA CYS A 52 15.03 -0.45 -10.33
C CYS A 52 15.11 -1.78 -9.55
N GLY A 53 15.47 -1.72 -8.27
CA GLY A 53 15.40 -2.90 -7.41
C GLY A 53 13.96 -3.23 -6.99
N HIS A 54 13.03 -2.38 -7.40
CA HIS A 54 11.63 -2.55 -7.01
C HIS A 54 10.99 -3.80 -7.61
N ILE A 55 9.95 -4.29 -6.95
CA ILE A 55 9.12 -5.31 -7.54
C ILE A 55 7.80 -5.42 -6.80
N PHE A 56 6.76 -5.82 -7.52
CA PHE A 56 5.40 -5.97 -6.99
C PHE A 56 4.72 -7.17 -7.62
N PHE A 57 3.67 -7.66 -6.98
CA PHE A 57 2.68 -8.49 -7.65
C PHE A 57 1.35 -7.78 -7.48
N GLY A 58 0.39 -8.04 -8.36
CA GLY A 58 -0.84 -7.29 -8.25
C GLY A 58 -1.93 -7.71 -9.21
N THR A 59 -2.96 -6.88 -9.27
CA THR A 59 -4.19 -7.23 -9.97
C THR A 59 -4.89 -5.99 -10.47
N THR A 60 -5.61 -6.16 -11.57
CA THR A 60 -6.50 -5.11 -12.04
C THR A 60 -7.97 -5.42 -11.74
N GLN A 61 -8.21 -6.49 -10.97
CA GLN A 61 -9.58 -6.89 -10.59
C GLN A 61 -10.13 -6.02 -9.45
N VAL A 62 -10.26 -4.74 -9.76
CA VAL A 62 -10.72 -3.75 -8.78
CA VAL A 62 -10.69 -3.72 -8.80
C VAL A 62 -12.10 -3.24 -9.17
N PRO A 63 -13.00 -3.08 -8.18
CA PRO A 63 -14.32 -2.56 -8.57
C PRO A 63 -14.24 -1.07 -8.88
N THR A 64 -15.21 -0.59 -9.65
CA THR A 64 -15.37 0.85 -9.85
C THR A 64 -16.22 1.35 -8.70
N GLY A 65 -16.02 2.61 -8.31
CA GLY A 65 -16.72 3.17 -7.16
C GLY A 65 -15.92 2.94 -5.89
N ASP A 66 -16.63 2.75 -4.77
CA ASP A 66 -15.97 2.50 -3.49
C ASP A 66 -15.10 1.25 -3.55
N VAL A 67 -13.89 1.38 -3.03
CA VAL A 67 -13.03 0.22 -2.93
CA VAL A 67 -12.91 0.28 -2.98
C VAL A 67 -12.41 0.08 -1.55
N TYR A 68 -12.49 -1.14 -1.05
CA TYR A 68 -11.89 -1.50 0.23
C TYR A 68 -10.81 -2.51 -0.05
N VAL A 69 -9.64 -2.27 0.51
CA VAL A 69 -8.51 -3.21 0.40
C VAL A 69 -8.08 -3.64 1.79
N ARG A 70 -7.87 -4.93 1.99
CA ARG A 70 -7.37 -5.43 3.26
C ARG A 70 -6.21 -6.38 2.96
N ALA A 71 -5.10 -6.20 3.64
CA ALA A 71 -4.02 -7.16 3.58
C ALA A 71 -3.39 -7.32 4.95
N TRP A 72 -3.04 -8.55 5.27
CA TRP A 72 -2.18 -8.80 6.42
C TRP A 72 -0.75 -8.69 5.97
N ILE A 73 0.01 -7.81 6.62
CA ILE A 73 1.34 -7.40 6.16
C ILE A 73 2.36 -7.59 7.26
N ARG A 74 3.46 -8.27 6.93
CA ARG A 74 4.58 -8.41 7.87
C ARG A 74 5.79 -7.71 7.28
N LEU A 75 6.40 -6.84 8.07
CA LEU A 75 7.55 -6.07 7.63
C LEU A 75 8.78 -6.57 8.38
N GLN A 76 9.88 -6.80 7.66
CA GLN A 76 11.10 -7.30 8.32
C GLN A 76 11.84 -6.24 9.15
N THR A 77 12.22 -5.15 8.49
CA THR A 77 13.03 -4.09 9.12
C THR A 77 12.19 -2.83 9.31
N ALA A 78 12.38 -2.11 10.42
CA ALA A 78 11.61 -0.89 10.72
C ALA A 78 11.70 0.15 9.60
N LEU A 79 10.61 0.88 9.39
CA LEU A 79 10.63 2.00 8.44
C LEU A 79 11.60 3.08 8.91
N GLY A 80 12.47 3.51 7.99
CA GLY A 80 13.38 4.61 8.25
C GLY A 80 12.83 5.95 7.82
N SER A 81 13.72 6.93 7.69
CA SER A 81 13.36 8.28 7.31
CA SER A 81 13.36 8.28 7.31
C SER A 81 13.05 8.44 5.82
N ASN A 82 13.70 7.63 4.99
CA ASN A 82 13.56 7.74 3.53
C ASN A 82 12.16 7.35 3.04
N HIS A 83 11.82 7.92 1.90
CA HIS A 83 10.57 7.65 1.22
C HIS A 83 10.60 6.25 0.59
N VAL A 84 9.75 5.37 1.09
CA VAL A 84 9.62 4.01 0.55
C VAL A 84 8.16 3.75 0.22
N THR A 85 7.89 2.71 -0.57
CA THR A 85 6.55 2.41 -1.05
C THR A 85 6.31 0.90 -0.99
N PHE A 86 5.18 0.47 -0.46
CA PHE A 86 4.86 -0.97 -0.50
C PHE A 86 3.53 -1.31 -1.19
N ILE A 87 2.71 -0.30 -1.51
CA ILE A 87 1.53 -0.53 -2.36
C ILE A 87 1.48 0.57 -3.41
N ILE A 88 1.30 0.17 -4.68
CA ILE A 88 1.08 1.14 -5.77
C ILE A 88 -0.23 0.85 -6.48
N MET A 89 -0.96 1.93 -6.80
CA MET A 89 -2.23 1.85 -7.48
C MET A 89 -2.26 2.79 -8.67
N PRO A 90 -2.21 2.24 -9.90
CA PRO A 90 -2.35 3.13 -11.06
C PRO A 90 -3.69 3.86 -10.96
N ASP A 91 -3.67 5.14 -11.23
CA ASP A 91 -4.77 6.02 -10.87
C ASP A 91 -5.19 6.87 -12.07
N THR A 92 -6.43 6.67 -12.54
CA THR A 92 -7.01 7.45 -13.64
C THR A 92 -7.04 8.95 -13.29
N ALA A 93 -7.26 9.27 -12.01
CA ALA A 93 -7.26 10.66 -11.53
C ALA A 93 -5.90 11.35 -11.65
N GLN A 94 -4.84 10.56 -11.86
CA GLN A 94 -3.49 11.08 -12.11
C GLN A 94 -3.00 10.72 -13.50
N GLY A 95 -3.94 10.45 -14.41
CA GLY A 95 -3.62 10.02 -15.78
C GLY A 95 -2.75 8.77 -15.89
N GLY A 96 -2.96 7.82 -14.97
CA GLY A 96 -2.21 6.57 -14.98
C GLY A 96 -1.05 6.51 -14.01
N LYS A 97 -0.62 7.66 -13.48
CA LYS A 97 0.42 7.71 -12.44
C LYS A 97 -0.15 7.11 -11.16
N HIS A 98 0.72 6.87 -10.18
CA HIS A 98 0.40 6.00 -9.04
CA HIS A 98 0.32 6.02 -9.07
C HIS A 98 -0.06 6.75 -7.80
N LEU A 99 -1.08 6.20 -7.14
CA LEU A 99 -1.37 6.52 -5.75
C LEU A 99 -0.60 5.46 -4.97
N ARG A 100 0.22 5.91 -4.03
CA ARG A 100 1.17 5.04 -3.32
C ARG A 100 0.88 5.05 -1.85
N ILE A 101 1.07 3.90 -1.21
CA ILE A 101 1.10 3.81 0.25
C ILE A 101 2.49 3.35 0.62
N GLY A 102 3.09 4.05 1.57
CA GLY A 102 4.44 3.70 1.97
C GLY A 102 4.81 4.31 3.31
N GLY A 103 6.11 4.52 3.47
CA GLY A 103 6.65 5.14 4.68
C GLY A 103 7.54 6.31 4.33
N GLN A 104 7.56 7.28 5.25
CA GLN A 104 8.52 8.40 5.19
C GLN A 104 8.57 8.99 6.58
N SER A 105 9.76 9.44 6.99
CA SER A 105 9.94 9.96 8.35
C SER A 105 9.45 8.95 9.39
N GLN A 106 9.73 7.67 9.13
CA GLN A 106 9.48 6.56 10.05
C GLN A 106 8.00 6.20 10.28
N VAL A 107 7.11 6.76 9.48
CA VAL A 107 5.66 6.55 9.66
C VAL A 107 4.98 6.24 8.33
N LEU A 108 3.78 5.68 8.43
CA LEU A 108 2.97 5.39 7.24
C LEU A 108 2.36 6.66 6.64
N ASP A 109 2.23 6.66 5.32
CA ASP A 109 1.51 7.74 4.63
C ASP A 109 1.04 7.33 3.25
N TYR A 110 0.16 8.15 2.66
CA TYR A 110 -0.13 8.11 1.22
C TYR A 110 0.78 9.09 0.51
N ASN A 111 0.99 8.84 -0.77
CA ASN A 111 1.79 9.74 -1.60
C ASN A 111 1.22 9.69 -3.01
N ARG A 112 1.05 10.86 -3.61
CA ARG A 112 0.68 10.93 -5.03
C ARG A 112 1.91 11.13 -5.90
N GLU A 113 2.09 10.26 -6.87
CA GLU A 113 3.19 10.38 -7.82
C GLU A 113 3.13 11.69 -8.63
N SER A 114 1.93 12.10 -9.03
CA SER A 114 1.76 13.28 -9.89
C SER A 114 2.36 14.56 -9.29
N ASP A 115 2.00 14.89 -8.05
CA ASP A 115 2.45 16.15 -7.44
C ASP A 115 3.28 16.00 -6.17
N ASP A 116 3.60 14.74 -5.84
CA ASP A 116 4.41 14.38 -4.65
CA ASP A 116 4.42 14.41 -4.65
C ASP A 116 3.74 14.76 -3.32
N ALA A 117 2.42 15.00 -3.34
CA ALA A 117 1.67 15.30 -2.12
C ALA A 117 1.64 14.07 -1.21
N THR A 118 1.64 14.31 0.10
CA THR A 118 1.54 13.22 1.10
C THR A 118 0.32 13.42 1.99
N LEU A 119 -0.17 12.32 2.55
CA LEU A 119 -1.24 12.37 3.54
C LEU A 119 -0.82 11.45 4.70
N PRO A 120 -0.61 12.02 5.90
CA PRO A 120 -0.70 13.44 6.27
C PRO A 120 0.48 14.25 5.76
N ASP A 121 0.38 15.59 5.93
CA ASP A 121 1.56 16.45 5.88
C ASP A 121 2.61 15.90 6.86
N LEU A 122 3.87 15.96 6.47
CA LEU A 122 4.93 15.43 7.34
C LEU A 122 5.54 16.48 8.28
N SER A 123 4.65 17.30 8.83
CA SER A 123 4.94 18.22 9.94
C SER A 123 5.02 17.40 11.23
N PRO A 124 5.47 18.03 12.33
CA PRO A 124 5.49 17.27 13.56
C PRO A 124 4.10 16.78 13.99
N ASN A 125 3.07 17.62 13.87
CA ASN A 125 1.71 17.18 14.21
C ASN A 125 1.20 16.13 13.24
N GLY A 126 1.56 16.27 11.96
CA GLY A 126 1.15 15.28 10.95
C GLY A 126 1.74 13.91 11.26
N ILE A 127 3.02 13.88 11.56
CA ILE A 127 3.74 12.64 11.88
C ILE A 127 3.10 11.97 13.11
N ALA A 128 2.77 12.78 14.12
CA ALA A 128 2.11 12.31 15.33
C ALA A 128 0.70 11.74 15.10
N SER A 129 0.06 12.14 14.00
CA SER A 129 -1.30 11.74 13.68
C SER A 129 -1.34 10.44 12.88
N THR A 130 -0.20 10.01 12.38
CA THR A 130 -0.14 8.72 11.70
C THR A 130 0.62 7.75 12.61
N VAL A 131 0.97 6.57 12.11
CA VAL A 131 1.60 5.55 12.93
C VAL A 131 2.71 4.86 12.16
N THR A 132 3.57 4.18 12.92
N THR A 132 3.63 4.20 12.87
CA THR A 132 4.57 3.27 12.39
CA THR A 132 4.58 3.36 12.15
C THR A 132 3.92 1.95 11.98
C THR A 132 4.03 1.96 12.05
N LEU A 133 4.59 1.20 11.12
CA LEU A 133 4.17 -0.15 10.86
C LEU A 133 5.04 -1.05 11.74
N PRO A 134 4.43 -1.74 12.74
CA PRO A 134 5.24 -2.66 13.56
C PRO A 134 5.84 -3.77 12.70
N THR A 135 7.00 -4.28 13.13
CA THR A 135 7.75 -5.30 12.41
C THR A 135 7.62 -6.67 13.05
N GLY A 136 7.98 -7.69 12.28
CA GLY A 136 8.15 -9.03 12.83
C GLY A 136 6.90 -9.85 13.08
N ALA A 137 5.74 -9.36 12.64
CA ALA A 137 4.46 -10.02 12.84
C ALA A 137 3.45 -9.46 11.85
N PHE A 138 2.52 -10.29 11.43
CA PHE A 138 1.51 -9.80 10.49
C PHE A 138 0.54 -8.83 11.16
N GLN A 139 0.35 -7.71 10.47
CA GLN A 139 -0.51 -6.60 10.92
C GLN A 139 -1.69 -6.52 9.96
N CYS A 140 -2.88 -6.21 10.44
CA CYS A 140 -4.03 -6.09 9.56
C CYS A 140 -4.17 -4.67 9.03
N PHE A 141 -3.88 -4.47 7.77
CA PHE A 141 -3.90 -3.15 7.16
C PHE A 141 -5.08 -3.07 6.22
N GLU A 142 -5.91 -2.06 6.42
CA GLU A 142 -7.05 -1.85 5.54
CA GLU A 142 -7.12 -1.83 5.62
C GLU A 142 -7.21 -0.38 5.15
N TYR A 143 -7.72 -0.17 3.94
CA TYR A 143 -8.06 1.17 3.51
C TYR A 143 -9.29 1.18 2.63
N HIS A 144 -9.89 2.36 2.57
CA HIS A 144 -11.10 2.60 1.80
C HIS A 144 -10.90 3.84 0.95
N LEU A 145 -11.09 3.70 -0.36
CA LEU A 145 -11.11 4.83 -1.28
C LEU A 145 -12.57 5.06 -1.69
N GLY A 146 -13.11 6.23 -1.36
CA GLY A 146 -14.50 6.54 -1.65
C GLY A 146 -14.66 7.23 -2.98
N THR A 147 -15.86 7.73 -3.24
CA THR A 147 -16.15 8.39 -4.50
C THR A 147 -16.22 9.92 -4.38
N ASP A 148 -16.15 10.42 -3.16
CA ASP A 148 -16.31 11.86 -2.92
C ASP A 148 -15.05 12.55 -2.37
N GLY A 149 -13.92 11.83 -2.36
CA GLY A 149 -12.70 12.36 -1.77
C GLY A 149 -12.30 11.62 -0.51
N THR A 150 -13.25 10.88 0.06
CA THR A 150 -13.03 10.09 1.28
C THR A 150 -11.91 9.09 1.08
N ILE A 151 -10.98 9.10 2.04
CA ILE A 151 -9.99 8.03 2.17
C ILE A 151 -9.97 7.67 3.65
N GLU A 152 -10.07 6.39 3.96
CA GLU A 152 -9.98 5.96 5.35
C GLU A 152 -8.92 4.87 5.45
N THR A 153 -8.21 4.82 6.58
CA THR A 153 -7.14 3.82 6.77
C THR A 153 -7.22 3.30 8.19
N TRP A 154 -7.10 1.97 8.34
CA TRP A 154 -7.10 1.31 9.63
C TRP A 154 -5.90 0.39 9.77
N LEU A 155 -5.36 0.29 10.96
CA LEU A 155 -4.33 -0.69 11.30
C LEU A 155 -4.83 -1.46 12.53
N ASN A 156 -4.92 -2.78 12.41
N ASN A 156 -4.96 -2.77 12.38
CA ASN A 156 -5.48 -3.65 13.45
CA ASN A 156 -5.55 -3.64 13.40
C ASN A 156 -6.90 -3.22 13.89
C ASN A 156 -6.86 -3.09 13.92
N GLY A 157 -7.65 -2.63 12.96
CA GLY A 157 -9.01 -2.17 13.23
C GLY A 157 -9.12 -0.72 13.69
N SER A 158 -8.01 -0.10 14.07
CA SER A 158 -8.05 1.26 14.60
C SER A 158 -7.83 2.25 13.47
N LEU A 159 -8.70 3.26 13.40
CA LEU A 159 -8.53 4.31 12.39
C LEU A 159 -7.19 5.06 12.56
N ILE A 160 -6.50 5.31 11.46
CA ILE A 160 -5.29 6.11 11.48
C ILE A 160 -5.73 7.53 11.10
N PRO A 161 -5.85 8.45 12.08
CA PRO A 161 -6.44 9.77 11.77
C PRO A 161 -5.69 10.54 10.68
N GLY A 162 -4.36 10.53 10.74
CA GLY A 162 -3.56 11.25 9.77
C GLY A 162 -3.77 10.80 8.34
N MET A 163 -4.11 9.52 8.17
CA MET A 163 -4.29 8.91 6.86
C MET A 163 -5.78 8.80 6.52
N THR A 164 -6.58 9.68 7.12
CA THR A 164 -8.02 9.71 6.86
C THR A 164 -8.42 11.13 6.48
N VAL A 165 -9.13 11.26 5.35
CA VAL A 165 -9.52 12.56 4.81
CA VAL A 165 -9.57 12.56 4.85
C VAL A 165 -10.91 12.42 4.18
N GLY A 166 -11.57 13.55 3.95
CA GLY A 166 -12.82 13.51 3.20
C GLY A 166 -13.72 14.68 3.53
N PRO A 167 -14.81 14.82 2.76
CA PRO A 167 -15.79 15.89 2.93
C PRO A 167 -16.26 16.04 4.37
N GLY A 168 -16.04 17.23 4.94
CA GLY A 168 -16.41 17.51 6.32
C GLY A 168 -15.58 16.83 7.40
N VAL A 169 -14.64 15.96 7.01
CA VAL A 169 -13.76 15.27 7.96
C VAL A 169 -12.62 16.18 8.38
N ASP A 170 -12.49 16.38 9.69
CA ASP A 170 -11.49 17.29 10.23
C ASP A 170 -10.10 16.65 10.38
N ASN A 171 -9.28 16.81 9.35
CA ASN A 171 -7.86 16.42 9.42
C ASN A 171 -7.04 17.71 9.33
N PRO A 172 -6.47 18.17 10.47
CA PRO A 172 -5.72 19.43 10.50
C PRO A 172 -4.38 19.38 9.77
N ASN A 173 -3.99 18.18 9.34
CA ASN A 173 -2.71 18.00 8.66
C ASN A 173 -2.88 17.41 7.26
N ASP A 174 -3.85 17.96 6.52
CA ASP A 174 -4.18 17.48 5.18
C ASP A 174 -4.02 18.54 4.08
N ALA A 175 -3.17 19.55 4.35
CA ALA A 175 -3.05 20.72 3.48
C ALA A 175 -2.49 20.38 2.09
N GLY A 176 -1.38 19.65 2.06
CA GLY A 176 -0.78 19.20 0.80
C GLY A 176 -1.72 18.34 -0.04
N TRP A 177 -2.46 17.47 0.63
CA TRP A 177 -3.38 16.56 -0.02
C TRP A 177 -4.56 17.27 -0.68
N THR A 178 -5.08 18.30 -0.01
CA THR A 178 -6.34 18.92 -0.40
C THR A 178 -6.14 20.30 -1.07
N ARG A 179 -4.92 20.56 -1.53
CA ARG A 179 -4.60 21.81 -2.23
C ARG A 179 -5.43 21.89 -3.51
N ALA A 180 -5.45 20.79 -4.26
CA ALA A 180 -6.36 20.64 -5.38
C ALA A 180 -7.34 19.52 -5.06
N SER A 181 -8.53 19.61 -5.66
CA SER A 181 -9.54 18.58 -5.50
CA SER A 181 -9.54 18.57 -5.51
C SER A 181 -8.95 17.26 -6.03
N TYR A 182 -8.99 16.23 -5.19
CA TYR A 182 -8.48 14.92 -5.59
C TYR A 182 -9.42 13.82 -5.15
N ILE A 183 -9.87 13.03 -6.12
CA ILE A 183 -10.65 11.84 -5.83
C ILE A 183 -9.99 10.69 -6.56
N PRO A 184 -9.55 9.65 -5.82
CA PRO A 184 -8.87 8.55 -6.51
C PRO A 184 -9.82 7.84 -7.47
N GLU A 185 -9.27 7.34 -8.57
CA GLU A 185 -10.00 6.45 -9.46
C GLU A 185 -9.05 5.35 -9.89
N ILE A 186 -8.79 4.40 -8.99
CA ILE A 186 -7.73 3.44 -9.24
C ILE A 186 -8.16 2.33 -10.20
N THR A 187 -7.18 1.79 -10.92
CA THR A 187 -7.44 0.69 -11.86
C THR A 187 -6.72 -0.59 -11.50
N GLY A 188 -5.92 -0.57 -10.44
CA GLY A 188 -5.21 -1.77 -10.01
C GLY A 188 -4.64 -1.58 -8.63
N VAL A 189 -4.26 -2.69 -8.00
CA VAL A 189 -3.57 -2.67 -6.71
C VAL A 189 -2.36 -3.61 -6.82
N ASN A 190 -1.19 -3.13 -6.41
CA ASN A 190 0.05 -3.88 -6.44
C ASN A 190 0.75 -3.80 -5.10
N PHE A 191 1.31 -4.93 -4.66
CA PHE A 191 1.90 -5.09 -3.33
C PHE A 191 3.36 -5.44 -3.52
N GLY A 192 4.27 -4.78 -2.83
CA GLY A 192 5.68 -5.10 -2.99
C GLY A 192 6.57 -4.09 -2.30
N TRP A 193 7.65 -3.69 -2.97
CA TRP A 193 8.63 -2.79 -2.34
C TRP A 193 9.28 -1.93 -3.41
N GLU A 194 9.41 -0.64 -3.13
CA GLU A 194 10.08 0.32 -4.04
C GLU A 194 10.71 1.42 -3.22
N ALA A 195 11.98 1.71 -3.48
CA ALA A 195 12.67 2.80 -2.79
C ALA A 195 13.70 3.43 -3.69
N TYR A 196 13.55 4.72 -3.96
CA TYR A 196 14.52 5.46 -4.78
C TYR A 196 15.90 5.52 -4.13
N SER A 197 15.95 5.55 -2.79
CA SER A 197 17.20 5.56 -2.03
C SER A 197 17.93 4.22 -2.08
N GLY A 198 17.25 3.18 -2.55
CA GLY A 198 17.81 1.83 -2.57
C GLY A 198 17.66 1.06 -1.26
N ASP A 199 16.90 1.64 -0.32
CA ASP A 199 16.52 0.97 0.93
C ASP A 199 15.99 -0.41 0.60
N VAL A 200 16.55 -1.43 1.25
CA VAL A 200 16.07 -2.79 1.05
CA VAL A 200 16.14 -2.81 1.08
C VAL A 200 15.24 -3.22 2.25
N ASN A 201 14.22 -4.02 1.96
CA ASN A 201 13.41 -4.59 3.01
C ASN A 201 12.77 -5.84 2.44
N THR A 202 12.17 -6.60 3.33
CA THR A 202 11.39 -7.77 2.97
C THR A 202 10.01 -7.53 3.54
N VAL A 203 9.01 -7.74 2.72
CA VAL A 203 7.62 -7.60 3.15
CA VAL A 203 7.61 -7.58 3.13
C VAL A 203 6.84 -8.82 2.73
N TRP A 204 6.05 -9.35 3.64
CA TRP A 204 5.14 -10.46 3.33
C TRP A 204 3.69 -9.96 3.33
N PHE A 205 2.90 -10.52 2.43
CA PHE A 205 1.49 -10.20 2.30
C PHE A 205 0.72 -11.50 2.31
N ASP A 206 -0.35 -11.52 3.10
CA ASP A 206 -1.25 -12.66 3.17
C ASP A 206 -2.67 -12.15 3.28
N ASP A 207 -3.62 -13.00 2.92
CA ASP A 207 -5.05 -12.74 3.18
C ASP A 207 -5.49 -11.40 2.63
N ILE A 208 -5.26 -11.26 1.33
CA ILE A 208 -5.61 -10.05 0.62
C ILE A 208 -7.07 -10.12 0.21
N SER A 209 -7.80 -9.05 0.43
CA SER A 209 -9.16 -8.95 -0.05
C SER A 209 -9.41 -7.57 -0.57
N ILE A 210 -9.91 -7.49 -1.80
CA ILE A 210 -10.33 -6.24 -2.42
C ILE A 210 -11.82 -6.39 -2.69
N ALA A 211 -12.60 -5.41 -2.24
CA ALA A 211 -14.06 -5.52 -2.26
C ALA A 211 -14.71 -4.16 -2.35
N SER A 212 -16.02 -4.17 -2.62
CA SER A 212 -16.80 -2.94 -2.69
CA SER A 212 -16.81 -2.95 -2.69
C SER A 212 -17.33 -2.54 -1.31
N THR A 213 -17.11 -3.41 -0.32
CA THR A 213 -17.55 -3.22 1.06
C THR A 213 -16.42 -3.56 2.04
N ARG A 214 -16.53 -3.02 3.26
CA ARG A 214 -15.52 -3.19 4.31
C ARG A 214 -15.22 -4.66 4.59
N VAL A 215 -13.93 -5.01 4.58
CA VAL A 215 -13.49 -6.39 4.81
C VAL A 215 -13.36 -6.74 6.29
N GLY A 216 -12.68 -5.89 7.06
CA GLY A 216 -12.39 -6.17 8.48
C GLY A 216 -11.19 -7.06 8.73
N CYS A 217 -10.95 -7.36 10.01
CA CYS A 217 -9.77 -8.12 10.48
C CYS A 217 -10.08 -9.55 10.90
N GLY A 218 -11.25 -10.06 10.53
CA GLY A 218 -11.63 -11.45 10.85
C GLY A 218 -11.90 -11.66 12.33
C1 NAG B . -1.12 -5.36 15.33
C2 NAG B . -0.17 -4.64 16.29
C3 NAG B . 1.18 -5.32 16.33
C4 NAG B . 1.07 -6.85 16.40
C5 NAG B . 0.04 -7.40 15.42
C6 NAG B . -0.18 -8.91 15.51
C7 NAG B . 0.04 -2.27 16.72
C8 NAG B . 0.28 -0.89 16.17
N2 NAG B . 0.05 -3.27 15.85
O3 NAG B . 1.99 -4.84 17.39
O4 NAG B . 2.37 -7.34 16.13
O5 NAG B . -1.18 -6.73 15.67
O6 NAG B . -0.99 -9.40 14.47
O7 NAG B . -0.15 -2.42 17.92
CA CA C . -1.96 -17.73 4.04
C1 PEG D . 9.98 -23.10 0.12
O1 PEG D . 8.86 -24.01 0.07
C2 PEG D . 9.49 -21.66 0.01
O2 PEG D . 9.30 -21.10 1.32
C1 PEG E . 7.72 -4.46 16.90
O1 PEG E . 6.62 -5.13 16.26
C2 PEG E . 7.82 -3.03 16.41
O2 PEG E . 8.57 -2.96 15.20
C3 PEG E . 9.49 -1.86 15.14
C4 PEG E . 8.95 -0.73 14.25
O4 PEG E . 7.90 -0.06 14.95
C1 PEG F . -1.41 -4.72 -12.37
O1 PEG F . -2.01 -6.02 -12.50
C2 PEG F . -2.28 -3.88 -11.45
O2 PEG F . -2.03 -2.50 -11.71
C1 PEG G . 9.87 5.38 -3.36
O1 PEG G . 11.07 6.13 -3.18
C2 PEG G . 9.10 5.84 -4.59
O2 PEG G . 7.88 5.08 -4.68
C1 PEG H . -8.98 -13.63 3.08
O1 PEG H . -8.39 -12.81 2.05
C2 PEG H . -8.13 -14.88 3.28
O2 PEG H . -8.06 -15.21 4.66
C1 PEG I . 1.11 20.02 -2.95
O1 PEG I . -0.23 19.60 -3.23
C2 PEG I . 1.65 19.22 -1.77
O2 PEG I . 2.98 18.80 -2.02
C1 PEG J . 3.98 -14.53 12.40
O1 PEG J . 4.69 -14.29 11.20
C2 PEG J . 3.51 -13.18 12.94
O2 PEG J . 2.12 -13.01 12.71
C1 PEG K . 8.62 -16.50 13.21
O1 PEG K . 8.42 -16.42 11.80
C2 PEG K . 9.47 -15.31 13.67
O2 PEG K . 10.49 -15.07 12.71
C1 PEG L . 14.99 -12.79 3.72
O1 PEG L . 14.81 -11.48 3.16
C2 PEG L . 13.98 -13.01 4.84
O2 PEG L . 14.66 -13.05 6.10
#